data_6VVJ
#
_entry.id   6VVJ
#
_entity_poly.entity_id   1
_entity_poly.type   'polyribonucleotide'
_entity_poly.pdbx_seq_one_letter_code
;(M7G)GUCUCUCUUGUUAGACCAGGUCGAGCCCGGGAGCUCUCUGGCUAGCAAGGAACCCACUGCUUAAGCCUCAAUAAA
GCUUGCCUUGAGUGCCUCAAGCAGUGUGUGCCCAUCUCGAGAGAGAUGGGUGCG
;
_entity_poly.pdbx_strand_id   A
#